data_5ABW
#
_entry.id   5ABW
#
_cell.length_a   73.225
_cell.length_b   73.225
_cell.length_c   70.475
_cell.angle_alpha   90.00
_cell.angle_beta   90.00
_cell.angle_gamma   120.00
#
_symmetry.space_group_name_H-M   'P 63'
#
loop_
_entity.id
_entity.type
_entity.pdbx_description
1 polymer 'NEUTROPHIL ELASTASE'
2 branched 2-acetamido-2-deoxy-beta-D-glucopyranose-(1-4)-[alpha-L-fucopyranose-(1-6)]2-acetamido-2-deoxy-beta-D-glucopyranose
3 non-polymer 1-(3-CHLOROPHENYL)-5-(3,5-DIMETHYLISOXAZOL-4-YL)-6-METHYL-N-[4-(METHYLSULFONYL)BENZYL]-2-OXO-1,2-DIHYDROPYRIDINE-3-CARBOXAMIDE
4 non-polymer 'CHLORIDE ION'
5 water water
#
_entity_poly.entity_id   1
_entity_poly.type   'polypeptide(L)'
_entity_poly.pdbx_seq_one_letter_code
;IVGGRRARPHAWPFMVSLQLRGGHFCGATLIAPNFVMSAAHCVANVNVRAVRVVLGAHNLSRREPTRQVFAVQRIFENGY
DPVNLLNDIVILQLNGSATINANVQVAQLPAQGRRLGNGVQCLAMGWGLLGRNRGIASVLQELNVTVVTSLCRRSNVCTL
VRGRQAGVCFGDSGSPLVCNGLIHGIASFVRGGCASGLYPDAFAPVAQFVNWIDSIIQ
;
_entity_poly.pdbx_strand_id   A
#
loop_
_chem_comp.id
_chem_comp.type
_chem_comp.name
_chem_comp.formula
CL non-polymer 'CHLORIDE ION' 'Cl -1'
FUC L-saccharide, alpha linking alpha-L-fucopyranose 'C6 H12 O5'
NAG D-saccharide, beta linking 2-acetamido-2-deoxy-beta-D-glucopyranose 'C8 H15 N O6'
WQQ non-polymer 1-(3-CHLOROPHENYL)-5-(3,5-DIMETHYLISOXAZOL-4-YL)-6-METHYL-N-[4-(METHYLSULFONYL)BENZYL]-2-OXO-1,2-DIHYDROPYRIDINE-3-CARBOXAMIDE 'C26 H24 Cl N3 O5 S'
#
# COMPACT_ATOMS: atom_id res chain seq x y z
N ILE A 1 7.25 8.84 0.62
CA ILE A 1 7.39 9.08 -0.86
C ILE A 1 8.40 10.20 -1.05
N VAL A 2 9.45 9.89 -1.82
CA VAL A 2 10.51 10.86 -2.11
C VAL A 2 10.27 11.45 -3.49
N GLY A 3 10.10 12.76 -3.56
CA GLY A 3 10.02 13.44 -4.86
C GLY A 3 8.64 13.47 -5.47
N GLY A 4 7.63 13.15 -4.66
CA GLY A 4 6.21 13.18 -5.09
C GLY A 4 5.58 14.56 -4.85
N ARG A 5 4.27 14.58 -4.67
CA ARG A 5 3.52 15.79 -4.42
C ARG A 5 2.39 15.49 -3.46
N ARG A 6 1.87 16.55 -2.83
CA ARG A 6 0.69 16.36 -1.98
C ARG A 6 -0.48 15.96 -2.85
N ALA A 7 -1.20 14.93 -2.39
CA ALA A 7 -2.48 14.57 -2.99
C ALA A 7 -3.51 15.64 -2.70
N ARG A 8 -4.49 15.78 -3.59
CA ARG A 8 -5.71 16.54 -3.25
C ARG A 8 -6.39 15.80 -2.08
N PRO A 9 -6.95 16.54 -1.09
CA PRO A 9 -7.52 15.85 0.05
C PRO A 9 -8.56 14.83 -0.38
N HIS A 10 -8.39 13.60 0.09
CA HIS A 10 -9.34 12.50 -0.09
C HIS A 10 -9.46 12.04 -1.54
N ALA A 11 -8.41 12.29 -2.33
CA ALA A 11 -8.36 11.86 -3.72
C ALA A 11 -8.40 10.35 -3.85
N TRP A 12 -7.85 9.67 -2.84
CA TRP A 12 -7.66 8.22 -2.86
C TRP A 12 -8.34 7.62 -1.64
N PRO A 13 -9.67 7.51 -1.69
CA PRO A 13 -10.43 7.19 -0.48
C PRO A 13 -10.29 5.76 0.03
N PHE A 14 -9.63 4.91 -0.75
CA PHE A 14 -9.26 3.56 -0.32
C PHE A 14 -7.92 3.58 0.48
N MET A 15 -7.24 4.73 0.55
CA MET A 15 -5.91 4.76 1.20
C MET A 15 -6.04 4.76 2.71
N VAL A 16 -5.26 3.90 3.37
CA VAL A 16 -5.34 3.65 4.82
C VAL A 16 -3.99 3.91 5.49
N SER A 17 -4.04 4.46 6.70
CA SER A 17 -2.87 4.59 7.57
C SER A 17 -2.96 3.56 8.69
N LEU A 18 -1.95 2.68 8.79
CA LEU A 18 -1.83 1.77 9.95
C LEU A 18 -1.00 2.48 10.99
N GLN A 19 -1.52 2.49 12.23
CA GLN A 19 -0.91 3.29 13.31
C GLN A 19 -0.71 2.47 14.58
N LEU A 20 0.32 2.85 15.34
CA LEU A 20 0.57 2.35 16.71
C LEU A 20 0.73 3.55 17.67
N ARG A 21 0.07 3.48 18.83
CA ARG A 21 -0.24 4.66 19.67
C ARG A 21 -0.16 6.02 18.93
N GLY A 22 -0.99 6.13 17.89
CA GLY A 22 -1.21 7.36 17.16
C GLY A 22 -0.15 7.71 16.13
N GLY A 23 0.81 6.80 15.90
CA GLY A 23 1.89 7.06 14.95
C GLY A 23 1.79 6.14 13.75
N HIS A 24 1.75 6.74 12.56
CA HIS A 24 1.75 5.98 11.31
C HIS A 24 2.96 5.07 11.20
N PHE A 25 2.76 3.80 10.86
CA PHE A 25 3.92 2.93 10.54
C PHE A 25 3.84 2.24 9.18
N CYS A 26 2.66 2.20 8.57
CA CYS A 26 2.54 1.49 7.27
C CYS A 26 1.28 1.95 6.59
N GLY A 27 1.25 1.83 5.26
CA GLY A 27 0.00 2.05 4.53
C GLY A 27 -0.80 0.76 4.41
N ALA A 28 -2.04 0.90 3.93
CA ALA A 28 -2.88 -0.25 3.59
C ALA A 28 -3.93 0.23 2.60
N THR A 29 -4.73 -0.70 2.10
CA THR A 29 -5.79 -0.40 1.13
C THR A 29 -7.10 -1.02 1.61
N LEU A 30 -8.16 -0.21 1.65
CA LEU A 30 -9.51 -0.72 1.98
C LEU A 30 -10.05 -1.54 0.81
N ILE A 31 -10.31 -2.82 1.07
CA ILE A 31 -10.75 -3.77 0.01
C ILE A 31 -12.15 -4.32 0.22
N ALA A 32 -12.71 -4.06 1.39
CA ALA A 32 -14.11 -4.35 1.73
C ALA A 32 -14.45 -3.52 2.96
N PRO A 33 -15.74 -3.36 3.30
CA PRO A 33 -16.02 -2.56 4.49
C PRO A 33 -15.26 -2.99 5.77
N ASN A 34 -15.00 -4.29 5.92
CA ASN A 34 -14.36 -4.81 7.11
C ASN A 34 -13.00 -5.46 6.86
N PHE A 35 -12.37 -5.14 5.73
CA PHE A 35 -11.02 -5.69 5.47
C PHE A 35 -10.10 -4.69 4.81
N VAL A 36 -8.85 -4.65 5.24
CA VAL A 36 -7.81 -3.91 4.48
C VAL A 36 -6.74 -4.90 4.08
N MET A 37 -5.94 -4.54 3.06
CA MET A 37 -4.79 -5.36 2.75
C MET A 37 -3.53 -4.50 2.83
N SER A 38 -2.45 -5.12 3.25
CA SER A 38 -1.20 -4.40 3.41
C SER A 38 -0.04 -5.38 3.11
N ALA A 39 1.19 -4.98 3.42
CA ALA A 39 2.33 -5.87 3.26
C ALA A 39 2.50 -6.74 4.50
N ALA A 40 2.79 -8.02 4.29
CA ALA A 40 3.08 -8.92 5.41
C ALA A 40 4.24 -8.35 6.29
N HIS A 41 5.22 -7.71 5.67
CA HIS A 41 6.35 -7.23 6.48
C HIS A 41 5.94 -6.14 7.47
N CYS A 42 4.84 -5.45 7.18
CA CYS A 42 4.37 -4.40 8.04
C CYS A 42 4.00 -4.89 9.43
N VAL A 43 3.50 -6.12 9.52
CA VAL A 43 3.00 -6.62 10.80
C VAL A 43 3.83 -7.74 11.40
N ALA A 44 4.95 -8.04 10.75
CA ALA A 44 5.96 -8.93 11.34
C ALA A 44 6.54 -8.28 12.58
N ASN A 45 6.53 -9.04 13.67
CA ASN A 45 7.05 -8.60 14.96
C ASN A 45 6.23 -7.53 15.67
N VAL A 46 5.13 -7.11 15.06
CA VAL A 46 4.27 -6.06 15.62
C VAL A 46 3.22 -6.63 16.55
N ASN A 47 2.91 -5.89 17.60
CA ASN A 47 1.77 -6.24 18.46
C ASN A 47 0.47 -5.90 17.72
N VAL A 48 -0.14 -6.92 17.12
CA VAL A 48 -1.30 -6.70 16.27
C VAL A 48 -2.50 -6.15 17.04
N ARG A 49 -2.55 -6.44 18.34
CA ARG A 49 -3.61 -5.92 19.21
C ARG A 49 -3.53 -4.41 19.41
N ALA A 50 -2.37 -3.83 19.15
CA ALA A 50 -2.17 -2.39 19.30
C ALA A 50 -2.39 -1.61 18.00
N VAL A 51 -2.49 -2.33 16.89
CA VAL A 51 -2.63 -1.68 15.59
C VAL A 51 -3.98 -0.97 15.44
N ARG A 52 -3.95 0.26 15.00
CA ARG A 52 -5.16 1.00 14.65
C ARG A 52 -5.18 1.25 13.15
N VAL A 53 -6.34 1.00 12.56
CA VAL A 53 -6.55 1.13 11.13
C VAL A 53 -7.33 2.41 10.91
N VAL A 54 -6.72 3.38 10.24
CA VAL A 54 -7.30 4.71 10.11
C VAL A 54 -7.75 4.98 8.69
N LEU A 55 -9.06 5.12 8.51
CA LEU A 55 -9.66 5.37 7.20
C LEU A 55 -10.03 6.85 7.06
N GLY A 56 -10.04 7.35 5.83
CA GLY A 56 -10.50 8.71 5.54
C GLY A 56 -9.57 9.82 5.99
N ALA A 57 -8.29 9.48 6.13
CA ALA A 57 -7.27 10.46 6.51
C ALA A 57 -6.64 11.21 5.35
N HIS A 58 -6.20 12.43 5.64
CA HIS A 58 -5.38 13.16 4.70
C HIS A 58 -4.11 13.75 5.32
N ASN A 59 -4.29 14.58 6.35
CA ASN A 59 -3.16 15.21 7.01
C ASN A 59 -3.12 14.65 8.42
N LEU A 60 -2.15 13.81 8.67
CA LEU A 60 -2.09 13.05 9.92
C LEU A 60 -1.78 13.92 11.12
N SER A 61 -1.29 15.13 10.86
CA SER A 61 -0.89 16.03 11.95
C SER A 61 -2.09 16.80 12.48
N ARG A 62 -3.22 16.69 11.77
CA ARG A 62 -4.41 17.46 12.06
C ARG A 62 -5.45 16.55 12.69
N ARG A 63 -6.38 17.14 13.43
CA ARG A 63 -7.58 16.40 13.80
C ARG A 63 -8.49 16.44 12.58
N GLU A 64 -8.96 15.27 12.19
CA GLU A 64 -9.82 15.14 11.03
C GLU A 64 -11.04 14.28 11.40
N PRO A 65 -12.19 14.95 11.62
CA PRO A 65 -13.46 14.25 11.85
C PRO A 65 -13.92 13.31 10.71
N THR A 66 -13.35 13.43 9.52
CA THR A 66 -13.63 12.46 8.44
C THR A 66 -13.11 11.07 8.76
N ARG A 67 -12.25 10.96 9.78
CA ARG A 67 -11.56 9.70 10.00
C ARG A 67 -12.42 8.67 10.69
N GLN A 68 -12.23 7.40 10.30
CA GLN A 68 -12.82 6.28 11.02
C GLN A 68 -11.70 5.37 11.49
N VAL A 69 -11.76 4.93 12.75
CA VAL A 69 -10.68 4.13 13.33
C VAL A 69 -11.17 2.76 13.77
N PHE A 70 -10.43 1.71 13.38
CA PHE A 70 -10.74 0.34 13.77
C PHE A 70 -9.55 -0.40 14.34
N ALA A 71 -9.83 -1.46 15.09
CA ALA A 71 -8.81 -2.40 15.57
C ALA A 71 -8.76 -3.57 14.58
N VAL A 72 -7.72 -4.39 14.70
CA VAL A 72 -7.60 -5.59 13.87
C VAL A 72 -8.10 -6.80 14.65
N GLN A 73 -9.10 -7.47 14.09
CA GLN A 73 -9.67 -8.68 14.69
C GLN A 73 -8.90 -9.96 14.37
N ARG A 74 -8.47 -10.08 13.11
CA ARG A 74 -7.79 -11.29 12.63
C ARG A 74 -6.89 -10.89 11.47
N ILE A 75 -5.83 -11.67 11.23
CA ILE A 75 -5.02 -11.53 10.01
C ILE A 75 -5.09 -12.81 9.18
N PHE A 76 -5.05 -12.64 7.86
CA PHE A 76 -4.96 -13.75 6.91
C PHE A 76 -3.67 -13.57 6.14
N GLU A 77 -2.91 -14.67 6.06
CA GLU A 77 -1.58 -14.74 5.48
CA GLU A 77 -1.64 -14.61 5.34
C GLU A 77 -1.62 -15.62 4.22
N ASN A 78 -0.61 -15.50 3.35
CA ASN A 78 -0.59 -16.25 2.12
C ASN A 78 0.86 -16.60 1.80
N GLY A 79 1.56 -17.19 2.75
CA GLY A 79 2.86 -17.76 2.45
C GLY A 79 4.01 -16.76 2.41
N TYR A 80 3.88 -15.69 3.19
CA TYR A 80 4.96 -14.71 3.31
C TYR A 80 6.29 -15.39 3.57
N ASP A 81 7.29 -14.99 2.79
CA ASP A 81 8.65 -15.50 2.91
C ASP A 81 9.57 -14.28 3.18
N PRO A 82 9.95 -14.03 4.45
CA PRO A 82 10.80 -12.88 4.76
C PRO A 82 12.24 -13.00 4.23
N VAL A 83 12.75 -14.21 4.08
CA VAL A 83 14.11 -14.41 3.56
C VAL A 83 14.25 -13.93 2.12
N ASN A 84 13.25 -14.23 1.28
CA ASN A 84 13.30 -13.87 -0.13
C ASN A 84 12.40 -12.70 -0.48
N LEU A 85 11.71 -12.17 0.52
CA LEU A 85 10.74 -11.09 0.39
CA LEU A 85 10.78 -11.06 0.35
C LEU A 85 9.74 -11.44 -0.73
N LEU A 86 9.06 -12.58 -0.55
CA LEU A 86 8.04 -13.10 -1.46
C LEU A 86 6.67 -13.20 -0.77
N ASN A 87 5.60 -13.12 -1.56
CA ASN A 87 4.23 -13.20 -1.02
C ASN A 87 4.02 -12.22 0.12
N ASP A 88 4.46 -10.98 -0.12
CA ASP A 88 4.47 -9.95 0.92
C ASP A 88 3.10 -9.25 0.98
N ILE A 89 2.11 -10.01 1.44
CA ILE A 89 0.71 -9.54 1.48
C ILE A 89 0.03 -10.11 2.73
N VAL A 90 -0.81 -9.30 3.36
CA VAL A 90 -1.63 -9.74 4.49
C VAL A 90 -2.98 -9.05 4.34
N ILE A 91 -4.03 -9.75 4.76
CA ILE A 91 -5.33 -9.12 4.90
C ILE A 91 -5.61 -8.96 6.39
N LEU A 92 -6.03 -7.76 6.78
CA LEU A 92 -6.40 -7.51 8.18
C LEU A 92 -7.90 -7.34 8.24
N GLN A 93 -8.57 -8.24 8.97
CA GLN A 93 -10.00 -8.12 9.20
C GLN A 93 -10.21 -7.12 10.32
N LEU A 94 -11.11 -6.18 10.09
CA LEU A 94 -11.40 -5.12 11.07
C LEU A 94 -12.38 -5.61 12.14
N ASN A 95 -12.34 -4.95 13.30
CA ASN A 95 -13.21 -5.28 14.44
C ASN A 95 -14.63 -4.75 14.26
N GLY A 96 -14.87 -4.12 13.12
CA GLY A 96 -16.15 -3.54 12.76
C GLY A 96 -16.11 -3.29 11.27
N SER A 97 -17.11 -2.56 10.77
CA SER A 97 -17.22 -2.26 9.35
C SER A 97 -17.24 -0.78 9.07
N ALA A 98 -16.43 -0.35 8.11
CA ALA A 98 -16.37 1.03 7.65
C ALA A 98 -17.73 1.53 7.18
N THR A 99 -18.01 2.80 7.44
CA THR A 99 -19.11 3.51 6.81
C THR A 99 -18.59 4.04 5.49
N ILE A 100 -19.13 3.50 4.40
CA ILE A 100 -18.63 3.87 3.08
C ILE A 100 -19.24 5.18 2.62
N ASN A 101 -18.37 6.12 2.27
CA ASN A 101 -18.78 7.47 1.90
C ASN A 101 -17.80 8.12 0.92
N ALA A 102 -17.91 9.44 0.72
CA ALA A 102 -17.05 10.13 -0.23
C ALA A 102 -15.57 9.92 0.08
N ASN A 103 -15.23 9.95 1.38
CA ASN A 103 -13.83 9.91 1.81
C ASN A 103 -13.31 8.50 2.13
N VAL A 104 -14.21 7.53 2.17
CA VAL A 104 -13.88 6.16 2.56
C VAL A 104 -14.54 5.23 1.57
N GLN A 105 -13.76 4.63 0.68
CA GLN A 105 -14.29 3.82 -0.41
C GLN A 105 -13.45 2.58 -0.56
N VAL A 106 -14.08 1.52 -1.05
CA VAL A 106 -13.39 0.26 -1.36
C VAL A 106 -12.64 0.37 -2.70
N ALA A 107 -11.41 -0.13 -2.73
CA ALA A 107 -10.63 -0.11 -3.95
C ALA A 107 -11.13 -1.13 -4.96
N GLN A 108 -10.83 -0.85 -6.22
CA GLN A 108 -11.07 -1.80 -7.29
CA GLN A 108 -11.07 -1.80 -7.29
C GLN A 108 -9.79 -2.57 -7.60
N LEU A 109 -9.92 -3.89 -7.73
CA LEU A 109 -8.79 -4.77 -7.97
C LEU A 109 -8.79 -5.33 -9.39
N PRO A 110 -7.60 -5.74 -9.89
CA PRO A 110 -7.53 -6.36 -11.21
C PRO A 110 -8.04 -7.78 -11.20
N ALA A 111 -8.17 -8.34 -12.40
CA ALA A 111 -8.46 -9.75 -12.55
C ALA A 111 -7.26 -10.60 -12.14
N GLN A 112 -7.55 -11.76 -11.54
CA GLN A 112 -6.49 -12.70 -11.24
C GLN A 112 -5.62 -12.99 -12.44
N GLY A 113 -4.30 -12.87 -12.26
CA GLY A 113 -3.34 -13.18 -13.33
C GLY A 113 -2.96 -12.06 -14.28
N ARG A 114 -3.65 -10.92 -14.20
CA ARG A 114 -3.26 -9.75 -14.98
C ARG A 114 -1.78 -9.37 -14.71
N ARG A 115 -1.00 -9.17 -15.77
CA ARG A 115 0.44 -8.81 -15.64
C ARG A 115 0.76 -7.56 -16.45
N LEU A 116 1.21 -6.52 -15.76
CA LEU A 116 1.47 -5.23 -16.40
C LEU A 116 2.74 -5.25 -17.21
N GLY A 117 2.70 -4.59 -18.37
CA GLY A 117 3.89 -4.54 -19.20
C GLY A 117 4.86 -3.44 -18.82
N ASN A 118 6.08 -3.52 -19.34
CA ASN A 118 6.98 -2.37 -19.34
C ASN A 118 6.22 -1.15 -19.85
N GLY A 119 6.30 -0.04 -19.12
CA GLY A 119 5.79 1.22 -19.62
C GLY A 119 4.44 1.66 -19.06
N VAL A 120 3.75 0.77 -18.36
CA VAL A 120 2.49 1.17 -17.75
C VAL A 120 2.74 2.31 -16.77
N GLN A 121 1.89 3.32 -16.82
CA GLN A 121 1.98 4.49 -15.96
C GLN A 121 1.07 4.30 -14.75
N CYS A 122 1.67 4.42 -13.55
CA CYS A 122 0.96 4.21 -12.30
C CYS A 122 1.18 5.37 -11.33
N LEU A 123 0.39 5.40 -10.27
CA LEU A 123 0.62 6.33 -9.18
C LEU A 123 0.96 5.53 -7.93
N ALA A 124 2.11 5.81 -7.34
CA ALA A 124 2.43 5.33 -6.00
C ALA A 124 1.95 6.39 -4.99
N MET A 125 1.78 5.99 -3.74
CA MET A 125 1.31 6.95 -2.72
C MET A 125 1.65 6.47 -1.33
N GLY A 126 1.59 7.39 -0.38
CA GLY A 126 1.79 7.01 1.01
C GLY A 126 2.22 8.15 1.91
N TRP A 127 2.30 7.83 3.20
CA TRP A 127 2.72 8.81 4.22
C TRP A 127 4.13 8.55 4.72
N GLY A 128 4.91 7.81 3.93
CA GLY A 128 6.25 7.43 4.33
C GLY A 128 7.26 8.56 4.23
N LEU A 129 8.50 8.22 4.51
CA LEU A 129 9.55 9.25 4.57
C LEU A 129 9.62 10.06 3.28
N LEU A 130 9.82 11.37 3.44
CA LEU A 130 9.87 12.32 2.32
C LEU A 130 11.26 12.42 1.71
N GLY A 131 12.27 11.87 2.39
CA GLY A 131 13.62 11.83 1.82
C GLY A 131 14.76 11.34 2.68
N GLY A 135 11.50 13.38 7.30
CA GLY A 135 10.76 12.39 8.09
C GLY A 135 9.44 11.96 7.47
N ILE A 136 8.60 11.33 8.27
CA ILE A 136 7.27 10.87 7.85
C ILE A 136 6.42 12.03 7.33
N ALA A 137 5.69 11.82 6.23
CA ALA A 137 4.84 12.88 5.71
C ALA A 137 3.66 13.14 6.63
N SER A 138 3.23 14.39 6.72
CA SER A 138 1.94 14.72 7.35
C SER A 138 0.83 14.55 6.33
N VAL A 139 1.02 15.12 5.15
CA VAL A 139 0.00 15.11 4.12
C VAL A 139 0.28 13.93 3.16
N LEU A 140 -0.76 13.18 2.81
CA LEU A 140 -0.64 12.07 1.87
C LEU A 140 0.06 12.52 0.59
N GLN A 141 1.07 11.74 0.17
CA GLN A 141 1.84 12.05 -1.03
C GLN A 141 1.51 11.06 -2.14
N GLU A 142 1.61 11.53 -3.39
CA GLU A 142 1.45 10.68 -4.57
C GLU A 142 2.61 10.92 -5.52
N LEU A 143 2.85 9.98 -6.42
CA LEU A 143 4.02 10.02 -7.28
C LEU A 143 3.78 9.24 -8.57
N ASN A 144 4.02 9.88 -9.71
CA ASN A 144 3.96 9.16 -10.98
C ASN A 144 5.13 8.23 -11.13
N VAL A 145 4.88 6.97 -11.47
CA VAL A 145 5.94 5.99 -11.73
C VAL A 145 5.59 5.19 -12.98
N THR A 146 6.60 4.47 -13.49
CA THR A 146 6.47 3.62 -14.68
C THR A 146 6.84 2.20 -14.35
N VAL A 147 6.03 1.24 -14.77
CA VAL A 147 6.35 -0.17 -14.58
C VAL A 147 7.57 -0.60 -15.39
N VAL A 148 8.48 -1.34 -14.75
CA VAL A 148 9.66 -1.86 -15.43
C VAL A 148 9.83 -3.36 -15.09
N THR A 149 10.43 -4.11 -16.01
CA THR A 149 10.75 -5.52 -15.75
C THR A 149 12.24 -5.75 -15.46
N SER A 150 13.09 -4.82 -15.89
CA SER A 150 14.52 -4.90 -15.57
C SER A 150 14.82 -4.70 -14.11
N LEU A 151 15.66 -5.58 -13.58
CA LEU A 151 15.97 -5.58 -12.14
C LEU A 151 14.74 -5.88 -11.28
N CYS A 152 13.76 -6.57 -11.88
CA CYS A 152 12.57 -7.02 -11.19
C CYS A 152 12.32 -8.51 -11.41
N ARG A 153 12.04 -9.23 -10.34
CA ARG A 153 11.62 -10.63 -10.46
C ARG A 153 10.20 -10.75 -11.01
N ARG A 154 9.93 -11.85 -11.70
CA ARG A 154 8.57 -12.15 -12.15
C ARG A 154 7.55 -12.17 -11.02
N SER A 155 8.02 -12.43 -9.79
CA SER A 155 7.15 -12.49 -8.63
C SER A 155 6.89 -11.12 -7.99
N ASN A 156 7.36 -10.07 -8.66
CA ASN A 156 7.04 -8.72 -8.20
C ASN A 156 6.50 -7.91 -9.35
N VAL A 157 5.81 -6.81 -9.03
CA VAL A 157 5.62 -5.69 -9.96
CA VAL A 157 5.67 -5.73 -9.98
C VAL A 157 6.57 -4.60 -9.49
N CYS A 158 7.37 -4.06 -10.40
CA CYS A 158 8.34 -3.02 -10.02
C CYS A 158 8.12 -1.76 -10.84
N THR A 159 8.51 -0.65 -10.26
CA THR A 159 8.34 0.65 -10.90
C THR A 159 9.60 1.50 -10.79
N LEU A 160 9.77 2.44 -11.71
CA LEU A 160 10.95 3.31 -11.66
C LEU A 160 10.52 4.66 -12.20
N VAL A 161 10.91 5.72 -11.51
CA VAL A 161 10.68 7.05 -12.04
C VAL A 161 11.83 7.33 -13.01
N ARG A 162 11.48 7.70 -14.24
CA ARG A 162 12.50 7.99 -15.25
C ARG A 162 13.05 9.41 -15.10
N GLY A 163 14.38 9.52 -15.12
CA GLY A 163 15.05 10.80 -15.37
C GLY A 163 15.34 11.66 -14.15
N ARG A 164 14.96 11.16 -12.97
CA ARG A 164 15.27 11.83 -11.72
C ARG A 164 15.15 10.79 -10.62
N GLN A 165 15.66 11.13 -9.43
CA GLN A 165 15.57 10.27 -8.26
C GLN A 165 14.29 10.52 -7.47
N ALA A 166 13.40 9.54 -7.50
CA ALA A 166 12.13 9.62 -6.77
C ALA A 166 11.62 8.20 -6.57
N GLY A 167 10.81 7.98 -5.54
CA GLY A 167 10.32 6.62 -5.28
C GLY A 167 9.70 6.48 -3.92
N VAL A 168 9.26 5.27 -3.59
CA VAL A 168 8.71 5.00 -2.27
C VAL A 168 9.81 4.94 -1.21
N CYS A 169 9.43 5.07 0.05
CA CYS A 169 10.42 4.98 1.12
C CYS A 169 9.82 4.34 2.38
N PHE A 170 10.60 4.26 3.47
CA PHE A 170 10.12 3.61 4.68
C PHE A 170 8.83 4.27 5.16
N GLY A 171 7.89 3.45 5.65
CA GLY A 171 6.57 3.98 6.01
C GLY A 171 5.61 3.96 4.83
N ASP A 172 6.12 3.85 3.60
CA ASP A 172 5.24 3.59 2.45
C ASP A 172 4.93 2.13 2.29
N SER A 173 5.70 1.27 2.97
CA SER A 173 5.44 -0.15 3.11
C SER A 173 3.93 -0.40 3.25
N GLY A 174 3.39 -1.30 2.44
CA GLY A 174 1.98 -1.66 2.61
C GLY A 174 1.00 -0.84 1.75
N SER A 175 1.49 0.24 1.16
CA SER A 175 0.63 1.18 0.42
C SER A 175 0.33 0.70 -0.98
N PRO A 176 -0.82 1.11 -1.52
CA PRO A 176 -1.23 0.67 -2.85
C PRO A 176 -0.42 1.35 -3.96
N LEU A 177 -0.22 0.62 -5.06
CA LEU A 177 0.21 1.14 -6.36
C LEU A 177 -1.02 1.08 -7.26
N VAL A 178 -1.41 2.21 -7.79
CA VAL A 178 -2.65 2.30 -8.61
C VAL A 178 -2.27 2.43 -10.08
N CYS A 179 -2.75 1.49 -10.91
CA CYS A 179 -2.46 1.56 -12.36
C CYS A 179 -3.74 1.35 -13.11
N ASN A 180 -4.07 2.32 -13.97
CA ASN A 180 -5.28 2.25 -14.77
C ASN A 180 -6.50 2.02 -13.89
N GLY A 181 -6.51 2.71 -12.74
CA GLY A 181 -7.63 2.72 -11.82
C GLY A 181 -7.76 1.55 -10.87
N LEU A 182 -6.84 0.60 -10.98
CA LEU A 182 -6.88 -0.63 -10.21
C LEU A 182 -5.66 -0.76 -9.32
N ILE A 183 -5.84 -1.39 -8.16
CA ILE A 183 -4.70 -1.61 -7.24
C ILE A 183 -3.90 -2.82 -7.68
N HIS A 184 -2.72 -2.56 -8.23
CA HIS A 184 -1.90 -3.63 -8.81
C HIS A 184 -0.70 -4.00 -7.93
N GLY A 185 -0.40 -3.15 -6.95
CA GLY A 185 0.75 -3.41 -6.10
C GLY A 185 0.54 -3.02 -4.66
N ILE A 186 1.31 -3.69 -3.78
CA ILE A 186 1.46 -3.32 -2.37
C ILE A 186 2.94 -3.07 -2.13
N ALA A 187 3.30 -1.87 -1.64
CA ALA A 187 4.73 -1.51 -1.54
C ALA A 187 5.48 -2.48 -0.65
N SER A 188 6.56 -3.06 -1.20
CA SER A 188 7.23 -4.21 -0.55
C SER A 188 8.70 -3.90 -0.18
N PHE A 189 9.50 -3.47 -1.15
CA PHE A 189 10.90 -3.16 -0.82
C PHE A 189 11.60 -2.28 -1.81
N VAL A 190 12.63 -1.59 -1.32
CA VAL A 190 13.53 -0.81 -2.15
C VAL A 190 14.91 -1.38 -2.06
N ARG A 191 15.74 -1.07 -3.06
CA ARG A 191 17.17 -1.41 -3.05
C ARG A 191 17.97 -0.18 -3.40
N GLY A 192 19.16 -0.04 -2.81
CA GLY A 192 20.02 1.09 -3.13
C GLY A 192 19.64 2.33 -2.35
N GLY A 193 18.89 2.13 -1.27
CA GLY A 193 18.29 3.26 -0.54
C GLY A 193 17.06 3.76 -1.27
N CYS A 194 16.27 4.58 -0.60
CA CYS A 194 15.10 5.14 -1.27
C CYS A 194 15.55 6.03 -2.41
N ALA A 195 14.78 6.02 -3.49
CA ALA A 195 14.99 6.93 -4.61
C ALA A 195 16.42 6.88 -5.14
N SER A 196 16.91 5.67 -5.41
CA SER A 196 18.28 5.51 -5.88
C SER A 196 18.43 5.99 -7.31
N GLY A 197 17.35 5.94 -8.08
CA GLY A 197 17.45 6.13 -9.54
C GLY A 197 18.09 4.95 -10.26
N LEU A 198 18.29 3.84 -9.56
CA LEU A 198 18.94 2.67 -10.16
C LEU A 198 18.04 1.44 -10.04
N TYR A 199 17.72 1.06 -8.81
CA TYR A 199 16.86 -0.10 -8.58
C TYR A 199 15.41 0.36 -8.61
N PRO A 200 14.55 -0.38 -9.32
CA PRO A 200 13.12 -0.07 -9.27
C PRO A 200 12.58 -0.44 -7.90
N ASP A 201 11.47 0.19 -7.52
CA ASP A 201 10.78 -0.17 -6.27
C ASP A 201 9.98 -1.43 -6.54
N ALA A 202 9.91 -2.31 -5.54
CA ALA A 202 9.22 -3.59 -5.74
C ALA A 202 7.94 -3.63 -4.93
N PHE A 203 6.88 -4.14 -5.57
CA PHE A 203 5.56 -4.27 -4.97
C PHE A 203 5.12 -5.74 -4.99
N ALA A 204 4.37 -6.17 -3.98
CA ALA A 204 3.67 -7.45 -4.06
C ALA A 204 2.65 -7.32 -5.19
N PRO A 205 2.65 -8.29 -6.12
CA PRO A 205 1.75 -8.21 -7.29
C PRO A 205 0.32 -8.64 -6.97
N VAL A 206 -0.55 -7.66 -6.72
CA VAL A 206 -1.91 -7.91 -6.22
C VAL A 206 -2.66 -8.88 -7.12
N ALA A 207 -2.49 -8.74 -8.44
CA ALA A 207 -3.26 -9.58 -9.38
C ALA A 207 -2.94 -11.06 -9.22
N GLN A 208 -1.78 -11.40 -8.64
CA GLN A 208 -1.45 -12.81 -8.43
C GLN A 208 -2.20 -13.39 -7.24
N PHE A 209 -2.84 -12.52 -6.45
CA PHE A 209 -3.46 -12.94 -5.20
C PHE A 209 -4.96 -12.68 -5.15
N VAL A 210 -5.56 -12.32 -6.29
CA VAL A 210 -6.96 -11.88 -6.31
C VAL A 210 -7.98 -12.98 -5.95
N ASN A 211 -7.78 -14.21 -6.44
CA ASN A 211 -8.72 -15.27 -6.08
C ASN A 211 -8.68 -15.51 -4.58
N TRP A 212 -7.48 -15.42 -3.99
CA TRP A 212 -7.33 -15.59 -2.55
C TRP A 212 -8.02 -14.45 -1.78
N ILE A 213 -7.75 -13.21 -2.19
CA ILE A 213 -8.40 -12.06 -1.59
C ILE A 213 -9.92 -12.22 -1.65
N ASP A 214 -10.42 -12.51 -2.84
CA ASP A 214 -11.86 -12.66 -3.07
C ASP A 214 -12.46 -13.70 -2.12
N SER A 215 -11.75 -14.80 -1.90
CA SER A 215 -12.27 -15.87 -1.03
C SER A 215 -12.44 -15.46 0.41
N ILE A 216 -11.64 -14.48 0.84
CA ILE A 216 -11.65 -14.02 2.21
C ILE A 216 -12.66 -12.90 2.42
N ILE A 217 -12.73 -11.97 1.49
CA ILE A 217 -13.55 -10.76 1.71
C ILE A 217 -14.97 -10.89 1.21
N GLN A 218 -15.27 -12.06 0.65
CA GLN A 218 -16.34 -12.21 -0.34
C GLN A 218 -15.98 -11.34 -1.58
C1 NAG B . 0.67 11.19 -13.62
C2 NAG B . 0.45 11.20 -15.15
C3 NAG B . -0.91 11.82 -15.43
C4 NAG B . -2.03 11.09 -14.69
C5 NAG B . -1.68 10.93 -13.22
C6 NAG B . -2.66 9.98 -12.55
C7 NAG B . 2.50 11.35 -16.43
C8 NAG B . 3.39 12.22 -17.25
N2 NAG B . 1.45 11.94 -15.88
O3 NAG B . -1.14 11.79 -16.83
O4 NAG B . -3.25 11.81 -14.67
O5 NAG B . -0.36 10.40 -13.10
O6 NAG B . -2.39 8.70 -13.10
O7 NAG B . 2.77 10.15 -16.29
C1 NAG B . -4.08 11.72 -15.84
C2 NAG B . -5.52 11.97 -15.39
C3 NAG B . -6.46 12.05 -16.61
C4 NAG B . -5.94 13.01 -17.68
C5 NAG B . -4.45 12.78 -17.95
C6 NAG B . -3.85 13.91 -18.78
C7 NAG B . -6.25 11.24 -13.19
C8 NAG B . -6.93 10.16 -12.38
N2 NAG B . -5.99 10.97 -14.46
O3 NAG B . -7.73 12.46 -16.16
O4 NAG B . -6.66 12.78 -18.87
O5 NAG B . -3.70 12.74 -16.74
O6 NAG B . -2.52 13.57 -19.07
O7 NAG B . -5.96 12.30 -12.63
C1 FUC B . -3.61 8.08 -13.59
C2 FUC B . -3.22 6.80 -14.30
C3 FUC B . -2.71 5.75 -13.29
C4 FUC B . -3.73 5.60 -12.16
C5 FUC B . -4.08 6.95 -11.55
C6 FUC B . -5.13 6.87 -10.45
O2 FUC B . -2.24 7.04 -15.29
O3 FUC B . -2.46 4.54 -13.98
O4 FUC B . -4.92 5.03 -12.67
O5 FUC B . -4.55 7.85 -12.55
C36 WQQ C . 11.39 -6.47 5.61
C31 WQQ C . 11.71 -5.41 6.65
O32 WQQ C . 11.50 -5.56 8.01
N33 WQQ C . 11.93 -4.40 8.65
C34 WQQ C . 12.32 -3.53 7.70
C35 WQQ C . 12.81 -2.15 8.08
C16 WQQ C . 12.22 -4.12 6.42
C1 WQQ C . 12.53 -3.61 5.13
C6 WQQ C . 13.57 -4.20 4.37
C2 WQQ C . 11.86 -2.54 4.54
C15 WQQ C . 10.72 -1.83 5.26
N3 WQQ C . 12.20 -2.09 3.25
C7 WQQ C . 11.53 -1.00 2.62
C12 WQQ C . 10.29 -1.23 2.06
C11 WQQ C . 9.63 -0.17 1.45
CL WQQ C . 8.09 -0.48 0.72
C10 WQQ C . 10.19 1.09 1.39
C9 WQQ C . 11.46 1.31 1.93
C8 WQQ C . 12.12 0.26 2.56
C4 WQQ C . 13.23 -2.69 2.50
O14 WQQ C . 13.46 -2.23 1.37
C5 WQQ C . 13.89 -3.79 3.06
C17 WQQ C . 15.06 -4.48 2.39
O19 WQQ C . 15.64 -5.43 2.95
N18 WQQ C . 15.47 -3.96 1.24
C20 WQQ C . 16.68 -4.53 0.63
C21 WQQ C . 16.53 -5.68 -0.36
C22 WQQ C . 15.33 -6.26 -0.66
C23 WQQ C . 15.30 -7.31 -1.59
C24 WQQ C . 16.48 -7.75 -2.19
S27 WQQ C . 16.37 -9.05 -3.37
C30 WQQ C . 15.30 -10.27 -2.66
O29 WQQ C . 17.73 -9.61 -3.67
O28 WQQ C . 15.73 -8.53 -4.61
C25 WQQ C . 17.69 -7.17 -1.86
C26 WQQ C . 17.72 -6.13 -0.95
CL CL D . 19.82 -2.51 -0.69
CL CL E . -2.25 -9.75 -18.67
CL CL F . 4.59 -3.23 18.06
#